data_3VV5
#
_entry.id   3VV5
#
_cell.length_a   68.573
_cell.length_b   68.603
_cell.length_c   98.527
_cell.angle_alpha   90.00
_cell.angle_beta   90.00
_cell.angle_gamma   90.00
#
_symmetry.space_group_name_H-M   'P 21 21 21'
#
loop_
_entity.id
_entity.type
_entity.pdbx_description
1 polymer 'Amino acid ABC transporter, binding protein'
2 non-polymer L-THIALYSINE
3 non-polymer 'SULFATE ION'
4 water water
#
_entity_poly.entity_id   1
_entity_poly.type   'polypeptide(L)'
_entity_poly.pdbx_seq_one_letter_code
;MKHHHHHHHHGGLVPRGSHGGSEFQVRSFEEIKRSGEIRIGTEGAFPPFNYFDERNQLTGFEVDLGNAIAERLGLKPRWI
AQSFDTLLIQLNQGRFDFVIASHGITEERARAVDFTNPHYCTGGVIVSRKGGPRTAKDLQGKVVGVQVGTTYMEAAQKIP
GIKEVRTYQRDPDALQDLLAGRIDTWITDRFVAKEAIKERKLENTLQVGELVFQERVAMAVAKGNKSLLDALNRALAELM
QDGTYARISQKWFGEDVRCK
;
_entity_poly.pdbx_strand_id   A,B
#
# COMPACT_ATOMS: atom_id res chain seq x y z
N PHE A 24 10.66 4.91 -8.57
CA PHE A 24 9.35 5.35 -9.12
C PHE A 24 9.57 6.00 -10.47
N GLN A 25 9.23 5.28 -11.53
CA GLN A 25 9.24 5.79 -12.91
C GLN A 25 8.53 4.77 -13.82
N VAL A 26 7.80 5.27 -14.81
CA VAL A 26 7.22 4.40 -15.85
C VAL A 26 8.34 4.12 -16.85
N ARG A 27 8.76 2.86 -16.96
CA ARG A 27 9.89 2.49 -17.81
C ARG A 27 9.43 1.74 -19.05
N SER A 28 9.96 2.11 -20.21
CA SER A 28 9.70 1.39 -21.44
C SER A 28 10.44 0.05 -21.42
N PHE A 29 10.07 -0.85 -22.33
CA PHE A 29 10.65 -2.18 -22.37
C PHE A 29 12.17 -2.15 -22.61
N GLU A 30 12.58 -1.30 -23.54
CA GLU A 30 13.99 -1.08 -23.85
C GLU A 30 14.79 -0.65 -22.58
N GLU A 31 14.23 0.25 -21.80
CA GLU A 31 14.80 0.68 -20.52
C GLU A 31 14.88 -0.45 -19.47
N ILE A 32 13.80 -1.22 -19.34
CA ILE A 32 13.79 -2.37 -18.45
C ILE A 32 14.86 -3.38 -18.91
N LYS A 33 14.88 -3.65 -20.20
CA LYS A 33 15.88 -4.54 -20.82
C LYS A 33 17.33 -4.28 -20.36
N ARG A 34 17.77 -3.06 -20.55
CA ARG A 34 19.15 -2.70 -20.24
C ARG A 34 19.47 -2.81 -18.74
N SER A 35 18.46 -2.61 -17.90
CA SER A 35 18.67 -2.74 -16.46
C SER A 35 18.79 -4.20 -16.07
N GLY A 36 18.20 -5.08 -16.89
CA GLY A 36 18.27 -6.52 -16.66
C GLY A 36 17.26 -7.04 -15.66
N GLU A 37 16.50 -6.14 -15.04
CA GLU A 37 15.47 -6.55 -14.05
C GLU A 37 14.11 -5.90 -14.34
N ILE A 38 13.03 -6.65 -14.08
CA ILE A 38 11.68 -6.11 -14.17
C ILE A 38 10.99 -6.23 -12.79
N ARG A 39 10.43 -5.12 -12.34
CA ARG A 39 9.74 -5.07 -11.06
C ARG A 39 8.28 -5.40 -11.26
N ILE A 40 7.80 -6.41 -10.53
CA ILE A 40 6.44 -6.91 -10.72
C ILE A 40 5.63 -6.76 -9.43
N GLY A 41 4.50 -6.07 -9.51
CA GLY A 41 3.63 -5.85 -8.33
C GLY A 41 2.62 -6.97 -8.22
N THR A 42 2.43 -7.50 -7.02
CA THR A 42 1.38 -8.50 -6.79
C THR A 42 0.86 -8.33 -5.36
N GLU A 43 -0.08 -9.16 -4.93
CA GLU A 43 -0.62 -9.04 -3.58
C GLU A 43 0.01 -10.03 -2.62
N GLY A 44 -0.16 -11.32 -2.89
CA GLY A 44 0.42 -12.35 -2.03
C GLY A 44 -0.58 -12.85 -0.99
N ALA A 45 -1.87 -12.54 -1.17
CA ALA A 45 -2.90 -13.06 -0.26
C ALA A 45 -4.08 -13.70 -1.00
N PHE A 46 -3.80 -14.29 -2.17
CA PHE A 46 -4.87 -14.84 -3.02
C PHE A 46 -4.50 -16.21 -3.55
N PRO A 47 -4.45 -17.24 -2.66
CA PRO A 47 -4.09 -18.57 -3.14
C PRO A 47 -5.24 -19.13 -3.99
N PRO A 48 -4.93 -19.89 -5.06
CA PRO A 48 -3.59 -20.37 -5.51
C PRO A 48 -2.95 -19.49 -6.58
N PHE A 49 -3.47 -18.29 -6.80
CA PHE A 49 -2.97 -17.39 -7.86
C PHE A 49 -1.68 -16.66 -7.50
N ASN A 50 -1.69 -16.00 -6.35
CA ASN A 50 -0.50 -15.30 -5.84
C ASN A 50 -0.57 -15.25 -4.32
N TYR A 51 0.41 -15.84 -3.66
CA TYR A 51 0.30 -16.02 -2.20
C TYR A 51 1.67 -16.38 -1.66
N PHE A 52 1.86 -16.12 -0.38
CA PHE A 52 3.07 -16.57 0.29
C PHE A 52 2.84 -17.96 0.85
N ASP A 53 3.70 -18.90 0.47
CA ASP A 53 3.49 -20.29 0.90
C ASP A 53 3.91 -20.48 2.37
N GLU A 54 3.91 -21.72 2.82
CA GLU A 54 4.19 -22.05 4.23
C GLU A 54 5.66 -21.90 4.65
N ARG A 55 6.53 -21.64 3.68
CA ARG A 55 7.89 -21.23 3.98
C ARG A 55 8.15 -19.80 3.52
N ASN A 56 7.08 -19.01 3.39
CA ASN A 56 7.16 -17.55 3.26
C ASN A 56 7.77 -17.06 1.94
N GLN A 57 7.52 -17.83 0.92
CA GLN A 57 8.01 -17.55 -0.43
C GLN A 57 6.79 -17.26 -1.29
N LEU A 58 6.87 -16.22 -2.12
CA LEU A 58 5.79 -15.88 -3.02
C LEU A 58 5.70 -16.93 -4.13
N THR A 59 4.50 -17.46 -4.32
CA THR A 59 4.27 -18.47 -5.35
C THR A 59 2.80 -18.41 -5.83
N GLY A 60 2.43 -19.38 -6.64
CA GLY A 60 1.09 -19.43 -7.21
C GLY A 60 1.13 -19.39 -8.72
N PHE A 61 -0.02 -19.68 -9.34
CA PHE A 61 -0.15 -19.63 -10.80
C PHE A 61 0.40 -18.36 -11.44
N GLU A 62 0.07 -17.21 -10.84
CA GLU A 62 0.49 -15.92 -11.42
C GLU A 62 1.97 -15.62 -11.26
N VAL A 63 2.56 -16.14 -10.18
CA VAL A 63 3.99 -16.00 -9.93
C VAL A 63 4.79 -16.86 -10.90
N ASP A 64 4.36 -18.12 -11.11
CA ASP A 64 5.01 -18.98 -12.13
C ASP A 64 4.90 -18.37 -13.53
N LEU A 65 3.73 -17.82 -13.85
CA LEU A 65 3.53 -17.18 -15.15
C LEU A 65 4.39 -15.93 -15.30
N GLY A 66 4.35 -15.07 -14.28
CA GLY A 66 5.15 -13.85 -14.28
C GLY A 66 6.63 -14.17 -14.42
N ASN A 67 7.09 -15.21 -13.73
CA ASN A 67 8.50 -15.65 -13.83
C ASN A 67 8.84 -16.14 -15.25
N ALA A 68 7.96 -16.94 -15.86
CA ALA A 68 8.14 -17.48 -17.22
C ALA A 68 8.18 -16.35 -18.26
N ILE A 69 7.29 -15.37 -18.10
CA ILE A 69 7.27 -14.19 -18.97
C ILE A 69 8.58 -13.41 -18.87
N ALA A 70 9.00 -13.10 -17.64
CA ALA A 70 10.29 -12.42 -17.43
C ALA A 70 11.44 -13.19 -18.09
N GLU A 71 11.45 -14.50 -17.91
CA GLU A 71 12.51 -15.37 -18.46
C GLU A 71 12.55 -15.35 -19.98
N ARG A 72 11.38 -15.46 -20.60
CA ARG A 72 11.29 -15.37 -22.06
C ARG A 72 11.77 -14.02 -22.60
N LEU A 73 11.55 -12.95 -21.84
CA LEU A 73 11.98 -11.60 -22.24
C LEU A 73 13.43 -11.28 -21.86
N GLY A 74 14.09 -12.21 -21.17
CA GLY A 74 15.49 -12.07 -20.73
C GLY A 74 15.70 -11.16 -19.53
N LEU A 75 14.76 -11.20 -18.60
CA LEU A 75 14.75 -10.26 -17.47
C LEU A 75 14.74 -10.99 -16.14
N LYS A 76 15.41 -10.42 -15.15
CA LYS A 76 15.36 -10.96 -13.80
C LYS A 76 14.10 -10.38 -13.14
N PRO A 77 13.19 -11.24 -12.65
CA PRO A 77 12.02 -10.65 -11.98
C PRO A 77 12.32 -10.22 -10.53
N ARG A 78 11.74 -9.09 -10.12
CA ARG A 78 11.81 -8.61 -8.74
C ARG A 78 10.39 -8.41 -8.29
N TRP A 79 9.95 -9.19 -7.33
CA TRP A 79 8.54 -9.14 -6.95
C TRP A 79 8.36 -8.19 -5.75
N ILE A 80 7.28 -7.43 -5.82
CA ILE A 80 6.91 -6.51 -4.75
C ILE A 80 5.46 -6.83 -4.38
N ALA A 81 5.24 -7.27 -3.13
CA ALA A 81 3.92 -7.66 -2.64
C ALA A 81 3.28 -6.52 -1.83
N GLN A 82 2.11 -6.05 -2.26
CA GLN A 82 1.46 -4.91 -1.61
C GLN A 82 -0.03 -5.19 -1.46
N SER A 83 -0.70 -4.41 -0.60
CA SER A 83 -2.15 -4.52 -0.47
C SER A 83 -2.87 -4.40 -1.83
N PHE A 84 -3.82 -5.30 -2.10
CA PHE A 84 -4.46 -5.36 -3.41
C PHE A 84 -4.97 -4.00 -3.91
N ASP A 85 -5.70 -3.28 -3.05
CA ASP A 85 -6.37 -2.02 -3.46
C ASP A 85 -5.41 -0.88 -3.81
N THR A 86 -4.13 -1.10 -3.55
CA THR A 86 -3.10 -0.10 -3.83
C THR A 86 -2.39 -0.33 -5.15
N LEU A 87 -2.59 -1.50 -5.76
CA LEU A 87 -1.71 -1.97 -6.85
C LEU A 87 -1.79 -1.14 -8.14
N LEU A 88 -2.99 -0.87 -8.63
CA LEU A 88 -3.11 -0.11 -9.89
C LEU A 88 -2.60 1.33 -9.74
N ILE A 89 -2.90 1.93 -8.60
CA ILE A 89 -2.41 3.28 -8.30
C ILE A 89 -0.89 3.31 -8.25
N GLN A 90 -0.28 2.40 -7.52
CA GLN A 90 1.18 2.37 -7.43
C GLN A 90 1.86 2.06 -8.76
N LEU A 91 1.20 1.26 -9.60
CA LEU A 91 1.70 0.94 -10.94
C LEU A 91 1.81 2.22 -11.76
N ASN A 92 0.75 3.02 -11.72
CA ASN A 92 0.71 4.31 -12.40
C ASN A 92 1.70 5.34 -11.88
N GLN A 93 2.18 5.15 -10.65
CA GLN A 93 3.20 6.00 -10.06
C GLN A 93 4.60 5.48 -10.38
N GLY A 94 4.67 4.29 -10.98
CA GLY A 94 5.94 3.75 -11.42
C GLY A 94 6.70 2.92 -10.39
N ARG A 95 6.02 2.51 -9.32
CA ARG A 95 6.61 1.67 -8.27
C ARG A 95 7.00 0.28 -8.82
N PHE A 96 6.20 -0.23 -9.74
CA PHE A 96 6.55 -1.48 -10.44
C PHE A 96 6.33 -1.25 -11.93
N ASP A 97 6.87 -2.14 -12.76
CA ASP A 97 6.72 -2.03 -14.21
C ASP A 97 5.42 -2.65 -14.71
N PHE A 98 5.03 -3.76 -14.10
CA PHE A 98 3.71 -4.33 -14.33
C PHE A 98 3.17 -5.02 -13.10
N VAL A 99 1.87 -5.28 -13.16
CA VAL A 99 1.18 -5.94 -12.06
C VAL A 99 0.51 -7.22 -12.60
N ILE A 100 0.66 -8.31 -11.84
CA ILE A 100 -0.11 -9.54 -12.09
C ILE A 100 -0.66 -10.01 -10.77
N ALA A 101 -1.95 -9.77 -10.57
CA ALA A 101 -2.57 -9.92 -9.27
C ALA A 101 -4.09 -10.20 -9.41
N SER A 102 -4.43 -10.95 -10.45
CA SER A 102 -5.80 -11.43 -10.70
C SER A 102 -6.82 -10.32 -10.96
N HIS A 103 -6.41 -9.23 -11.60
CA HIS A 103 -7.36 -8.15 -11.92
C HIS A 103 -8.26 -8.55 -13.07
N GLY A 104 -9.56 -8.56 -12.80
CA GLY A 104 -10.54 -8.67 -13.86
C GLY A 104 -10.55 -7.39 -14.66
N ILE A 105 -10.73 -7.49 -15.97
CA ILE A 105 -10.85 -6.30 -16.82
C ILE A 105 -12.24 -5.73 -16.60
N THR A 106 -12.30 -4.45 -16.26
CA THR A 106 -13.57 -3.70 -16.17
C THR A 106 -13.43 -2.38 -16.94
N GLU A 107 -14.55 -1.73 -17.26
CA GLU A 107 -14.49 -0.45 -17.98
C GLU A 107 -13.61 0.56 -17.25
N GLU A 108 -13.89 0.74 -15.96
CA GLU A 108 -13.23 1.74 -15.11
C GLU A 108 -11.75 1.49 -14.94
N ARG A 109 -11.38 0.22 -14.72
CA ARG A 109 -9.97 -0.12 -14.60
C ARG A 109 -9.22 0.03 -15.93
N ALA A 110 -9.87 -0.30 -17.05
CA ALA A 110 -9.26 -0.22 -18.40
C ALA A 110 -8.94 1.23 -18.82
N ARG A 111 -9.68 2.18 -18.27
CA ARG A 111 -9.30 3.60 -18.38
C ARG A 111 -8.04 3.92 -17.57
N ALA A 112 -8.01 3.46 -16.32
CA ALA A 112 -6.92 3.78 -15.40
C ALA A 112 -5.56 3.18 -15.81
N VAL A 113 -5.57 1.93 -16.30
CA VAL A 113 -4.33 1.25 -16.67
C VAL A 113 -4.49 0.63 -18.06
N ASP A 114 -3.39 0.19 -18.67
CA ASP A 114 -3.49 -0.59 -19.90
C ASP A 114 -3.37 -2.09 -19.59
N PHE A 115 -4.40 -2.85 -19.94
CA PHE A 115 -4.42 -4.31 -19.71
C PHE A 115 -3.82 -5.05 -20.90
N THR A 116 -3.07 -6.13 -20.62
CA THR A 116 -2.65 -7.06 -21.65
C THR A 116 -3.87 -7.88 -22.10
N ASN A 117 -3.70 -8.67 -23.16
CA ASN A 117 -4.60 -9.81 -23.39
C ASN A 117 -4.72 -10.63 -22.07
N PRO A 118 -5.91 -11.23 -21.79
CA PRO A 118 -6.08 -11.90 -20.50
C PRO A 118 -5.19 -13.15 -20.33
N HIS A 119 -4.67 -13.38 -19.13
CA HIS A 119 -3.89 -14.58 -18.86
C HIS A 119 -4.71 -15.70 -18.22
N TYR A 120 -5.97 -15.42 -17.89
CA TYR A 120 -6.94 -16.47 -17.55
C TYR A 120 -8.38 -15.96 -17.53
N CYS A 121 -9.30 -16.90 -17.47
CA CYS A 121 -10.72 -16.59 -17.42
C CYS A 121 -11.32 -17.28 -16.23
N THR A 122 -12.34 -16.64 -15.65
CA THR A 122 -12.84 -17.07 -14.37
C THR A 122 -14.20 -16.43 -14.11
N GLY A 123 -14.67 -16.54 -12.88
CA GLY A 123 -15.88 -15.84 -12.51
C GLY A 123 -16.02 -15.79 -11.02
N GLY A 124 -16.94 -14.94 -10.57
CA GLY A 124 -17.21 -14.74 -9.14
C GLY A 124 -18.34 -15.65 -8.70
N VAL A 125 -18.22 -16.24 -7.52
CA VAL A 125 -19.17 -17.23 -7.02
C VAL A 125 -19.65 -16.92 -5.60
N ILE A 126 -20.90 -17.32 -5.34
CA ILE A 126 -21.45 -17.25 -4.02
C ILE A 126 -20.96 -18.46 -3.28
N VAL A 127 -20.38 -18.26 -2.10
CA VAL A 127 -20.12 -19.39 -1.23
C VAL A 127 -20.66 -19.17 0.17
N SER A 128 -21.37 -20.18 0.67
CA SER A 128 -22.01 -20.08 1.97
C SER A 128 -21.73 -21.32 2.78
N ARG A 129 -22.24 -21.35 4.00
CA ARG A 129 -22.22 -22.58 4.76
C ARG A 129 -23.29 -23.47 4.15
N LYS A 130 -23.21 -24.78 4.34
CA LYS A 130 -24.26 -25.67 3.83
C LYS A 130 -25.63 -25.26 4.36
N GLY A 131 -26.63 -25.19 3.49
CA GLY A 131 -27.95 -24.65 3.88
C GLY A 131 -28.06 -23.15 3.76
N GLY A 132 -26.94 -22.52 3.38
CA GLY A 132 -26.89 -21.06 3.26
C GLY A 132 -27.31 -20.64 1.86
N PRO A 133 -27.21 -19.34 1.55
CA PRO A 133 -27.65 -18.79 0.28
C PRO A 133 -26.94 -19.41 -0.92
N ARG A 134 -27.70 -19.72 -1.96
CA ARG A 134 -27.15 -20.24 -3.20
C ARG A 134 -27.14 -19.28 -4.37
N THR A 135 -28.11 -18.35 -4.41
CA THR A 135 -28.26 -17.47 -5.55
C THR A 135 -28.26 -16.00 -5.13
N ALA A 136 -28.17 -15.10 -6.10
CA ALA A 136 -28.24 -13.67 -5.82
C ALA A 136 -29.56 -13.32 -5.12
N LYS A 137 -30.65 -13.94 -5.56
CA LYS A 137 -31.98 -13.71 -4.95
C LYS A 137 -31.95 -14.09 -3.47
N ASP A 138 -31.24 -15.17 -3.15
CA ASP A 138 -31.12 -15.68 -1.77
C ASP A 138 -30.44 -14.70 -0.81
N LEU A 139 -29.76 -13.70 -1.35
CA LEU A 139 -28.95 -12.77 -0.55
C LEU A 139 -29.75 -11.61 0.07
N GLN A 140 -31.01 -11.50 -0.32
CA GLN A 140 -31.92 -10.54 0.32
C GLN A 140 -31.98 -10.72 1.84
N GLY A 141 -31.62 -9.68 2.58
CA GLY A 141 -31.65 -9.73 4.06
C GLY A 141 -30.42 -10.40 4.65
N LYS A 142 -29.41 -10.63 3.82
CA LYS A 142 -28.23 -11.38 4.24
C LYS A 142 -27.01 -10.48 4.37
N VAL A 143 -26.02 -10.96 5.12
CA VAL A 143 -24.77 -10.23 5.30
C VAL A 143 -23.73 -10.88 4.38
N VAL A 144 -23.15 -10.09 3.49
CA VAL A 144 -22.21 -10.61 2.51
C VAL A 144 -20.79 -10.06 2.75
N GLY A 145 -19.79 -10.94 2.74
CA GLY A 145 -18.38 -10.55 2.89
C GLY A 145 -17.62 -10.55 1.57
N VAL A 146 -16.92 -9.45 1.28
CA VAL A 146 -16.05 -9.30 0.08
C VAL A 146 -14.75 -8.56 0.38
N GLN A 147 -13.71 -8.87 -0.39
CA GLN A 147 -12.49 -8.09 -0.37
C GLN A 147 -12.71 -6.69 -0.94
N VAL A 148 -12.12 -5.68 -0.30
CA VAL A 148 -12.22 -4.29 -0.78
C VAL A 148 -11.56 -4.13 -2.14
N GLY A 149 -12.17 -3.27 -2.96
CA GLY A 149 -11.60 -2.87 -4.24
C GLY A 149 -11.72 -3.94 -5.30
N THR A 150 -12.57 -4.93 -5.08
CA THR A 150 -12.71 -6.03 -6.02
C THR A 150 -14.01 -5.98 -6.85
N THR A 151 -14.00 -6.74 -7.93
CA THR A 151 -15.19 -6.96 -8.72
C THR A 151 -16.26 -7.71 -7.91
N TYR A 152 -15.86 -8.44 -6.87
CA TYR A 152 -16.82 -9.10 -5.97
C TYR A 152 -17.60 -8.06 -5.18
N MET A 153 -16.88 -7.08 -4.63
CA MET A 153 -17.51 -5.93 -4.00
C MET A 153 -18.47 -5.21 -4.94
N GLU A 154 -18.01 -4.88 -6.14
CA GLU A 154 -18.84 -4.18 -7.14
C GLU A 154 -20.13 -4.97 -7.41
N ALA A 155 -19.99 -6.29 -7.56
CA ALA A 155 -21.14 -7.16 -7.81
C ALA A 155 -22.11 -7.20 -6.63
N ALA A 156 -21.57 -7.31 -5.41
CA ALA A 156 -22.40 -7.26 -4.20
C ALA A 156 -23.19 -5.97 -4.09
N GLN A 157 -22.58 -4.85 -4.49
CA GLN A 157 -23.24 -3.55 -4.48
C GLN A 157 -24.41 -3.41 -5.46
N LYS A 158 -24.45 -4.28 -6.48
CA LYS A 158 -25.51 -4.24 -7.49
C LYS A 158 -26.67 -5.20 -7.21
N ILE A 159 -26.47 -6.16 -6.31
CA ILE A 159 -27.53 -7.11 -5.93
C ILE A 159 -28.51 -6.48 -4.92
N PRO A 160 -29.80 -6.37 -5.29
CA PRO A 160 -30.70 -5.61 -4.41
C PRO A 160 -31.07 -6.40 -3.15
N GLY A 161 -31.21 -5.68 -2.04
CA GLY A 161 -31.78 -6.24 -0.84
C GLY A 161 -30.81 -6.83 0.15
N ILE A 162 -29.51 -6.81 -0.18
CA ILE A 162 -28.50 -7.27 0.77
C ILE A 162 -28.50 -6.36 1.99
N LYS A 163 -28.52 -6.97 3.18
CA LYS A 163 -28.62 -6.21 4.43
C LYS A 163 -27.34 -5.42 4.69
N GLU A 164 -26.20 -6.05 4.41
CA GLU A 164 -24.92 -5.40 4.66
C GLU A 164 -23.81 -6.08 3.86
N VAL A 165 -22.93 -5.25 3.33
CA VAL A 165 -21.74 -5.71 2.61
C VAL A 165 -20.50 -5.37 3.46
N ARG A 166 -19.98 -6.39 4.14
CA ARG A 166 -18.78 -6.26 4.95
C ARG A 166 -17.55 -6.34 4.05
N THR A 167 -16.63 -5.40 4.22
CA THR A 167 -15.46 -5.34 3.35
C THR A 167 -14.19 -5.78 4.11
N TYR A 168 -13.29 -6.46 3.41
CA TYR A 168 -12.10 -7.03 4.05
C TYR A 168 -10.86 -6.61 3.28
N GLN A 169 -9.76 -6.40 3.98
CA GLN A 169 -8.50 -6.07 3.31
C GLN A 169 -8.01 -7.25 2.50
N ARG A 170 -8.13 -8.45 3.07
CA ARG A 170 -7.66 -9.65 2.42
C ARG A 170 -8.79 -10.66 2.31
N ASP A 171 -8.89 -11.25 1.13
CA ASP A 171 -9.94 -12.20 0.84
C ASP A 171 -10.02 -13.37 1.85
N PRO A 172 -8.87 -13.92 2.31
CA PRO A 172 -8.97 -15.02 3.28
C PRO A 172 -9.64 -14.63 4.61
N ASP A 173 -9.64 -13.35 4.93
CA ASP A 173 -10.27 -12.90 6.16
C ASP A 173 -11.79 -12.97 6.03
N ALA A 174 -12.30 -12.82 4.80
CA ALA A 174 -13.74 -13.04 4.55
C ALA A 174 -14.13 -14.51 4.74
N LEU A 175 -13.28 -15.43 4.28
CA LEU A 175 -13.53 -16.86 4.47
C LEU A 175 -13.58 -17.22 5.95
N GLN A 176 -12.64 -16.68 6.73
CA GLN A 176 -12.65 -16.93 8.17
C GLN A 176 -13.98 -16.48 8.79
N ASP A 177 -14.49 -15.31 8.39
CA ASP A 177 -15.75 -14.81 8.96
C ASP A 177 -16.99 -15.60 8.53
N LEU A 178 -16.94 -16.16 7.33
CA LEU A 178 -17.98 -17.11 6.88
C LEU A 178 -17.96 -18.38 7.74
N LEU A 179 -16.76 -18.89 8.02
CA LEU A 179 -16.63 -20.10 8.83
C LEU A 179 -17.07 -19.82 10.27
N ALA A 180 -16.85 -18.58 10.69
CA ALA A 180 -17.17 -18.13 12.05
C ALA A 180 -18.67 -17.85 12.21
N GLY A 181 -19.38 -17.68 11.10
CA GLY A 181 -20.80 -17.39 11.11
C GLY A 181 -21.08 -15.91 11.26
N ARG A 182 -20.07 -15.08 11.05
CA ARG A 182 -20.24 -13.62 11.16
C ARG A 182 -20.70 -12.98 9.84
N ILE A 183 -20.61 -13.74 8.76
CA ILE A 183 -21.28 -13.35 7.52
C ILE A 183 -22.02 -14.57 6.99
N ASP A 184 -23.02 -14.34 6.16
CA ASP A 184 -23.81 -15.43 5.58
C ASP A 184 -23.19 -15.99 4.31
N THR A 185 -22.44 -15.16 3.60
CA THR A 185 -22.00 -15.47 2.24
C THR A 185 -20.69 -14.75 1.94
N TRP A 186 -19.79 -15.43 1.23
CA TRP A 186 -18.53 -14.88 0.76
C TRP A 186 -18.57 -14.90 -0.76
N ILE A 187 -18.32 -13.75 -1.41
CA ILE A 187 -18.29 -13.73 -2.86
C ILE A 187 -16.84 -13.63 -3.27
N THR A 188 -16.39 -14.61 -4.05
CA THR A 188 -14.98 -14.67 -4.40
C THR A 188 -14.82 -15.38 -5.73
N ASP A 189 -13.56 -15.62 -6.10
CA ASP A 189 -13.21 -16.32 -7.33
C ASP A 189 -13.51 -17.81 -7.25
N ARG A 190 -14.01 -18.38 -8.35
CA ARG A 190 -14.43 -19.78 -8.37
C ARG A 190 -13.29 -20.77 -8.08
N PHE A 191 -12.11 -20.49 -8.64
CA PHE A 191 -10.95 -21.34 -8.37
C PHE A 191 -10.41 -21.16 -6.95
N VAL A 192 -10.45 -19.94 -6.43
CA VAL A 192 -10.02 -19.78 -5.04
C VAL A 192 -10.98 -20.42 -4.06
N ALA A 193 -12.29 -20.34 -4.32
CA ALA A 193 -13.29 -21.03 -3.50
C ALA A 193 -13.06 -22.55 -3.52
N LYS A 194 -12.87 -23.10 -4.72
CA LYS A 194 -12.71 -24.54 -4.90
C LYS A 194 -11.49 -25.03 -4.12
N GLU A 195 -10.38 -24.31 -4.25
CA GLU A 195 -9.15 -24.72 -3.57
C GLU A 195 -9.20 -24.56 -2.06
N ALA A 196 -9.81 -23.48 -1.56
CA ALA A 196 -9.90 -23.28 -0.10
C ALA A 196 -10.66 -24.44 0.55
N ILE A 197 -11.71 -24.88 -0.14
CA ILE A 197 -12.53 -26.00 0.35
C ILE A 197 -11.71 -27.30 0.39
N LYS A 198 -10.96 -27.57 -0.68
CA LYS A 198 -10.05 -28.73 -0.72
C LYS A 198 -9.00 -28.66 0.39
N GLU A 199 -8.32 -27.53 0.44
CA GLU A 199 -7.18 -27.29 1.32
C GLU A 199 -7.54 -27.42 2.80
N ARG A 200 -8.65 -26.80 3.17
CA ARG A 200 -9.09 -26.80 4.56
C ARG A 200 -10.05 -27.96 4.90
N LYS A 201 -10.30 -28.82 3.91
CA LYS A 201 -11.21 -29.95 4.04
C LYS A 201 -12.61 -29.48 4.55
N LEU A 202 -13.21 -28.61 3.74
CA LEU A 202 -14.49 -27.96 4.06
C LEU A 202 -15.67 -28.47 3.21
N GLU A 203 -15.43 -29.54 2.46
CA GLU A 203 -16.45 -30.16 1.60
C GLU A 203 -17.78 -30.37 2.31
N ASN A 204 -17.72 -30.69 3.61
CA ASN A 204 -18.92 -30.93 4.42
C ASN A 204 -19.38 -29.73 5.22
N THR A 205 -18.76 -28.57 5.04
CA THR A 205 -19.16 -27.38 5.77
C THR A 205 -19.56 -26.19 4.88
N LEU A 206 -18.95 -26.09 3.69
CA LEU A 206 -19.30 -25.03 2.74
C LEU A 206 -19.87 -25.58 1.42
N GLN A 207 -20.58 -24.72 0.70
CA GLN A 207 -21.16 -25.11 -0.58
C GLN A 207 -20.91 -23.94 -1.51
N VAL A 208 -20.55 -24.24 -2.75
CA VAL A 208 -20.39 -23.19 -3.76
C VAL A 208 -21.72 -23.02 -4.48
N GLY A 209 -22.21 -21.78 -4.51
CA GLY A 209 -23.51 -21.48 -5.10
C GLY A 209 -23.36 -20.99 -6.53
N GLU A 210 -24.20 -20.04 -6.92
CA GLU A 210 -24.27 -19.61 -8.31
C GLU A 210 -23.02 -18.83 -8.73
N LEU A 211 -22.66 -18.98 -9.99
CA LEU A 211 -21.66 -18.13 -10.60
C LEU A 211 -22.35 -16.81 -10.96
N VAL A 212 -21.99 -15.78 -10.21
CA VAL A 212 -22.64 -14.45 -10.27
C VAL A 212 -22.23 -13.60 -11.48
N PHE A 213 -20.98 -13.76 -11.92
CA PHE A 213 -20.46 -13.11 -13.13
C PHE A 213 -19.20 -13.79 -13.60
N GLN A 214 -18.89 -13.59 -14.87
CA GLN A 214 -17.67 -14.08 -15.47
C GLN A 214 -16.77 -12.88 -15.76
N GLU A 215 -15.45 -13.13 -15.76
CA GLU A 215 -14.48 -12.09 -16.07
C GLU A 215 -13.23 -12.63 -16.74
N ARG A 216 -12.62 -11.77 -17.54
CA ARG A 216 -11.30 -11.98 -18.13
C ARG A 216 -10.29 -11.26 -17.23
N VAL A 217 -9.24 -11.97 -16.82
CA VAL A 217 -8.26 -11.48 -15.87
C VAL A 217 -6.96 -11.23 -16.63
N ALA A 218 -6.31 -10.11 -16.37
CA ALA A 218 -5.15 -9.67 -17.15
C ALA A 218 -4.11 -8.98 -16.33
N MET A 219 -2.90 -8.89 -16.91
CA MET A 219 -1.79 -8.14 -16.38
C MET A 219 -2.02 -6.69 -16.75
N ALA A 220 -1.39 -5.78 -16.01
CA ALA A 220 -1.60 -4.35 -16.25
C ALA A 220 -0.27 -3.65 -16.27
N VAL A 221 -0.24 -2.61 -17.09
CA VAL A 221 0.90 -1.77 -17.27
C VAL A 221 0.41 -0.33 -16.95
N ALA A 222 1.31 0.59 -16.60
CA ALA A 222 0.91 1.99 -16.41
C ALA A 222 0.26 2.54 -17.68
N LYS A 223 -0.78 3.37 -17.53
CA LYS A 223 -1.53 3.83 -18.70
C LYS A 223 -0.58 4.50 -19.69
N GLY A 224 -0.66 4.10 -20.95
CA GLY A 224 0.25 4.65 -21.98
C GLY A 224 1.60 3.99 -22.14
N ASN A 225 1.92 2.98 -21.30
CA ASN A 225 3.19 2.26 -21.45
C ASN A 225 3.07 1.17 -22.52
N LYS A 226 2.86 1.63 -23.76
CA LYS A 226 2.59 0.72 -24.89
C LYS A 226 3.82 -0.14 -25.23
N SER A 227 5.02 0.37 -24.93
CA SER A 227 6.26 -0.37 -25.10
C SER A 227 6.26 -1.67 -24.28
N LEU A 228 6.06 -1.55 -22.97
CA LEU A 228 5.97 -2.73 -22.11
C LEU A 228 4.76 -3.59 -22.44
N LEU A 229 3.61 -2.95 -22.68
CA LEU A 229 2.38 -3.65 -23.08
C LEU A 229 2.62 -4.65 -24.25
N ASP A 230 3.25 -4.16 -25.32
CA ASP A 230 3.56 -5.02 -26.46
C ASP A 230 4.44 -6.20 -26.02
N ALA A 231 5.51 -5.93 -25.26
CA ALA A 231 6.41 -7.02 -24.82
C ALA A 231 5.71 -8.05 -23.96
N LEU A 232 4.83 -7.62 -23.04
CA LEU A 232 4.14 -8.59 -22.20
C LEU A 232 3.15 -9.39 -23.01
N ASN A 233 2.43 -8.74 -23.92
CA ASN A 233 1.51 -9.45 -24.82
C ASN A 233 2.23 -10.49 -25.66
N ARG A 234 3.40 -10.11 -26.17
CA ARG A 234 4.18 -11.00 -27.02
C ARG A 234 4.61 -12.26 -26.24
N ALA A 235 5.19 -12.07 -25.06
CA ALA A 235 5.62 -13.19 -24.22
C ALA A 235 4.45 -14.09 -23.80
N LEU A 236 3.30 -13.51 -23.47
CA LEU A 236 2.11 -14.30 -23.10
C LEU A 236 1.67 -15.18 -24.26
N ALA A 237 1.56 -14.59 -25.45
CA ALA A 237 1.16 -15.34 -26.64
C ALA A 237 2.16 -16.44 -26.97
N GLU A 238 3.45 -16.15 -26.80
CA GLU A 238 4.51 -17.16 -26.98
C GLU A 238 4.42 -18.32 -25.96
N LEU A 239 4.09 -18.00 -24.71
CA LEU A 239 3.92 -19.05 -23.67
C LEU A 239 2.73 -19.95 -23.93
N MET A 240 1.66 -19.37 -24.48
CA MET A 240 0.50 -20.16 -24.83
C MET A 240 0.79 -21.10 -26.00
N GLN A 241 1.60 -20.65 -26.93
CA GLN A 241 1.94 -21.47 -28.10
C GLN A 241 2.94 -22.60 -27.78
N ASP A 242 3.95 -22.31 -26.96
CA ASP A 242 5.06 -23.24 -26.80
C ASP A 242 4.87 -24.32 -25.73
N GLY A 243 3.73 -24.32 -25.07
CA GLY A 243 3.42 -25.34 -24.07
C GLY A 243 3.62 -24.90 -22.63
N THR A 244 4.33 -23.80 -22.41
CA THR A 244 4.61 -23.33 -21.06
C THR A 244 3.32 -22.98 -20.31
N TYR A 245 2.44 -22.25 -20.99
CA TYR A 245 1.19 -21.86 -20.32
C TYR A 245 0.39 -23.09 -19.86
N ALA A 246 0.23 -24.05 -20.76
CA ALA A 246 -0.42 -25.31 -20.47
C ALA A 246 0.19 -26.02 -19.25
N ARG A 247 1.52 -26.14 -19.21
CA ARG A 247 2.21 -26.81 -18.10
C ARG A 247 1.93 -26.13 -16.76
N ILE A 248 1.93 -24.80 -16.77
CA ILE A 248 1.74 -24.06 -15.53
C ILE A 248 0.28 -24.13 -15.08
N SER A 249 -0.64 -24.03 -16.05
CA SER A 249 -2.07 -24.15 -15.72
C SER A 249 -2.37 -25.55 -15.16
N GLN A 250 -1.81 -26.57 -15.79
CA GLN A 250 -1.96 -27.95 -15.31
C GLN A 250 -1.39 -28.16 -13.90
N LYS A 251 -0.20 -27.62 -13.64
CA LYS A 251 0.44 -27.66 -12.32
C LYS A 251 -0.52 -27.16 -11.22
N TRP A 252 -1.11 -25.99 -11.46
CA TRP A 252 -1.92 -25.35 -10.45
C TRP A 252 -3.38 -25.81 -10.39
N PHE A 253 -3.97 -26.14 -11.54
CA PHE A 253 -5.42 -26.41 -11.63
C PHE A 253 -5.83 -27.78 -12.17
N GLY A 254 -4.90 -28.48 -12.81
CA GLY A 254 -5.18 -29.78 -13.44
C GLY A 254 -6.04 -29.63 -14.69
N GLU A 255 -6.13 -28.40 -15.18
CA GLU A 255 -6.90 -28.06 -16.36
C GLU A 255 -6.34 -26.77 -16.95
N ASP A 256 -6.74 -26.44 -18.18
CA ASP A 256 -6.28 -25.24 -18.84
C ASP A 256 -7.30 -24.14 -18.59
N VAL A 257 -6.86 -23.10 -17.90
CA VAL A 257 -7.75 -22.04 -17.48
C VAL A 257 -7.72 -20.80 -18.40
N ARG A 258 -7.15 -20.93 -19.60
CA ARG A 258 -7.05 -19.77 -20.53
C ARG A 258 -8.43 -19.30 -21.02
N CYS A 259 -8.53 -18.04 -21.41
CA CYS A 259 -9.75 -17.54 -22.00
C CYS A 259 -10.00 -18.30 -23.30
N LYS A 260 -11.24 -18.78 -23.44
CA LYS A 260 -11.62 -19.77 -24.47
C LYS A 260 -12.68 -19.22 -25.38
N GLU B 23 -13.53 -1.94 8.18
CA GLU B 23 -14.41 -1.14 7.30
C GLU B 23 -13.59 -0.20 6.42
N PHE B 24 -14.17 0.15 5.28
CA PHE B 24 -13.54 0.98 4.27
C PHE B 24 -14.60 1.97 3.80
N GLN B 25 -14.56 3.15 4.40
CA GLN B 25 -15.63 4.11 4.21
C GLN B 25 -15.02 5.47 4.44
N VAL B 26 -15.14 6.36 3.46
CA VAL B 26 -14.72 7.74 3.63
C VAL B 26 -15.88 8.43 4.34
N ARG B 27 -15.61 8.93 5.53
CA ARG B 27 -16.67 9.46 6.39
C ARG B 27 -16.55 10.97 6.56
N SER B 28 -17.67 11.68 6.39
CA SER B 28 -17.72 13.10 6.71
C SER B 28 -17.57 13.32 8.23
N PHE B 29 -17.29 14.57 8.63
CA PHE B 29 -17.14 14.88 10.04
C PHE B 29 -18.36 14.47 10.86
N GLU B 30 -19.56 14.75 10.36
CA GLU B 30 -20.75 14.38 11.12
C GLU B 30 -21.02 12.88 11.23
N GLU B 31 -20.67 12.13 10.19
CA GLU B 31 -20.75 10.66 10.28
C GLU B 31 -19.78 10.14 11.34
N ILE B 32 -18.61 10.78 11.40
CA ILE B 32 -17.60 10.44 12.42
C ILE B 32 -18.11 10.78 13.84
N LYS B 33 -18.69 11.98 13.99
CA LYS B 33 -19.23 12.36 15.30
C LYS B 33 -20.33 11.39 15.75
N ARG B 34 -21.15 10.92 14.81
CA ARG B 34 -22.18 9.96 15.18
C ARG B 34 -21.56 8.69 15.78
N SER B 35 -20.43 8.26 15.23
CA SER B 35 -19.79 7.03 15.70
C SER B 35 -19.07 7.23 17.04
N GLY B 36 -18.58 8.44 17.29
CA GLY B 36 -17.90 8.77 18.54
C GLY B 36 -16.43 8.40 18.53
N GLU B 37 -15.97 7.88 17.40
CA GLU B 37 -14.59 7.44 17.25
C GLU B 37 -14.02 7.90 15.90
N ILE B 38 -12.73 8.26 15.91
CA ILE B 38 -12.01 8.66 14.69
C ILE B 38 -10.83 7.70 14.43
N ARG B 39 -10.73 7.21 13.19
CA ARG B 39 -9.69 6.23 12.84
C ARG B 39 -8.52 7.00 12.27
N ILE B 40 -7.34 6.79 12.83
CA ILE B 40 -6.17 7.56 12.43
C ILE B 40 -5.10 6.60 11.93
N GLY B 41 -4.63 6.82 10.71
CA GLY B 41 -3.60 5.95 10.11
C GLY B 41 -2.26 6.58 10.34
N THR B 42 -1.28 5.76 10.69
CA THR B 42 0.09 6.22 10.80
C THR B 42 1.00 5.04 10.47
N GLU B 43 2.30 5.23 10.60
CA GLU B 43 3.23 4.18 10.18
C GLU B 43 3.76 3.47 11.42
N GLY B 44 4.42 4.21 12.31
CA GLY B 44 4.92 3.62 13.54
C GLY B 44 6.37 3.14 13.44
N ALA B 45 7.12 3.66 12.48
CA ALA B 45 8.56 3.35 12.40
C ALA B 45 9.42 4.58 12.09
N PHE B 46 9.05 5.73 12.68
CA PHE B 46 9.69 6.99 12.37
C PHE B 46 9.87 7.78 13.67
N PRO B 47 10.72 7.27 14.61
CA PRO B 47 10.95 8.04 15.83
C PRO B 47 11.67 9.35 15.53
N PRO B 48 11.33 10.42 16.26
CA PRO B 48 10.45 10.50 17.43
C PRO B 48 9.03 10.90 17.08
N PHE B 49 8.66 10.83 15.82
CA PHE B 49 7.34 11.31 15.36
C PHE B 49 6.23 10.30 15.54
N ASN B 50 6.43 9.10 14.99
CA ASN B 50 5.45 8.03 15.14
C ASN B 50 6.21 6.72 15.14
N TYR B 51 6.10 5.99 16.25
CA TYR B 51 6.95 4.82 16.46
C TYR B 51 6.41 3.92 17.59
N PHE B 52 6.89 2.69 17.64
CA PHE B 52 6.54 1.83 18.77
C PHE B 52 7.70 1.86 19.74
N ASP B 53 7.39 2.11 21.01
CA ASP B 53 8.44 2.29 22.00
C ASP B 53 8.95 0.95 22.53
N GLU B 54 9.86 1.04 23.49
CA GLU B 54 10.50 -0.15 24.08
C GLU B 54 9.56 -1.06 24.87
N ARG B 55 8.32 -0.63 25.13
CA ARG B 55 7.30 -1.56 25.64
C ARG B 55 6.18 -1.80 24.63
N ASN B 56 6.50 -1.56 23.35
CA ASN B 56 5.68 -1.94 22.20
C ASN B 56 4.33 -1.23 22.12
N GLN B 57 4.31 0.03 22.53
CA GLN B 57 3.13 0.88 22.40
C GLN B 57 3.44 1.99 21.42
N LEU B 58 2.45 2.30 20.60
CA LEU B 58 2.55 3.38 19.65
C LEU B 58 2.64 4.73 20.38
N THR B 59 3.65 5.52 20.05
CA THR B 59 3.82 6.84 20.65
C THR B 59 4.54 7.78 19.70
N GLY B 60 4.95 8.94 20.20
CA GLY B 60 5.64 9.93 19.41
C GLY B 60 4.90 11.25 19.38
N PHE B 61 5.60 12.29 18.92
CA PHE B 61 5.04 13.64 18.78
C PHE B 61 3.69 13.62 18.07
N GLU B 62 3.62 12.92 16.93
CA GLU B 62 2.39 12.92 16.15
C GLU B 62 1.26 12.10 16.76
N VAL B 63 1.62 11.07 17.52
CA VAL B 63 0.63 10.30 18.29
C VAL B 63 0.01 11.15 19.41
N ASP B 64 0.85 11.85 20.16
CA ASP B 64 0.37 12.82 21.15
C ASP B 64 -0.50 13.92 20.53
N LEU B 65 -0.07 14.44 19.38
CA LEU B 65 -0.87 15.46 18.68
C LEU B 65 -2.17 14.89 18.14
N GLY B 66 -2.11 13.72 17.50
CA GLY B 66 -3.32 13.08 16.97
C GLY B 66 -4.37 12.83 18.05
N ASN B 67 -3.90 12.38 19.22
CA ASN B 67 -4.79 12.13 20.37
C ASN B 67 -5.38 13.46 20.85
N ALA B 68 -4.52 14.49 20.89
CA ALA B 68 -4.95 15.84 21.28
C ALA B 68 -6.03 16.41 20.36
N ILE B 69 -5.82 16.22 19.06
CA ILE B 69 -6.82 16.63 18.05
C ILE B 69 -8.15 15.86 18.22
N ALA B 70 -8.06 14.54 18.37
CA ALA B 70 -9.23 13.70 18.57
C ALA B 70 -10.04 14.19 19.80
N GLU B 71 -9.31 14.41 20.88
CA GLU B 71 -9.87 14.84 22.15
C GLU B 71 -10.59 16.19 21.99
N ARG B 72 -9.92 17.10 21.30
CA ARG B 72 -10.46 18.43 21.02
C ARG B 72 -11.78 18.34 20.27
N LEU B 73 -11.88 17.37 19.36
CA LEU B 73 -13.10 17.15 18.58
C LEU B 73 -14.17 16.33 19.31
N GLY B 74 -13.89 15.90 20.54
CA GLY B 74 -14.83 15.04 21.29
C GLY B 74 -14.95 13.62 20.74
N LEU B 75 -13.84 13.05 20.27
CA LEU B 75 -13.85 11.75 19.63
C LEU B 75 -12.77 10.88 20.27
N LYS B 76 -13.05 9.58 20.37
CA LYS B 76 -12.04 8.61 20.86
C LYS B 76 -11.15 8.15 19.69
N PRO B 77 -9.83 8.30 19.84
CA PRO B 77 -8.98 7.94 18.69
C PRO B 77 -8.77 6.44 18.59
N ARG B 78 -8.75 5.93 17.37
CA ARG B 78 -8.39 4.53 17.12
C ARG B 78 -7.26 4.53 16.07
N TRP B 79 -6.10 4.04 16.47
CA TRP B 79 -4.92 4.09 15.60
C TRP B 79 -4.76 2.81 14.78
N ILE B 80 -4.35 2.98 13.53
CA ILE B 80 -4.07 1.88 12.61
C ILE B 80 -2.66 2.15 12.09
N ALA B 81 -1.73 1.27 12.41
CA ALA B 81 -0.37 1.41 11.95
C ALA B 81 -0.15 0.49 10.77
N GLN B 82 0.50 1.00 9.73
CA GLN B 82 0.69 0.26 8.50
C GLN B 82 1.87 0.84 7.74
N SER B 83 2.28 0.17 6.67
CA SER B 83 3.43 0.64 5.92
C SER B 83 3.21 2.07 5.40
N PHE B 84 4.26 2.87 5.44
CA PHE B 84 4.16 4.28 5.12
C PHE B 84 3.70 4.55 3.70
N ASP B 85 4.28 3.84 2.73
CA ASP B 85 4.15 4.30 1.36
C ASP B 85 2.76 4.04 0.78
N THR B 86 1.92 3.35 1.52
CA THR B 86 0.56 3.07 1.08
C THR B 86 -0.53 3.81 1.89
N LEU B 87 -0.08 4.63 2.84
CA LEU B 87 -1.00 5.32 3.76
C LEU B 87 -2.01 6.19 3.03
N LEU B 88 -1.57 6.92 2.01
CA LEU B 88 -2.45 7.88 1.35
C LEU B 88 -3.45 7.19 0.42
N ILE B 89 -3.02 6.10 -0.20
CA ILE B 89 -3.93 5.27 -0.98
C ILE B 89 -5.01 4.65 -0.10
N GLN B 90 -4.64 4.05 1.03
CA GLN B 90 -5.63 3.44 1.92
C GLN B 90 -6.56 4.51 2.54
N LEU B 91 -6.03 5.73 2.78
CA LEU B 91 -6.86 6.87 3.25
C LEU B 91 -8.02 7.14 2.27
N ASN B 92 -7.67 7.26 0.98
CA ASN B 92 -8.67 7.40 -0.08
C ASN B 92 -9.66 6.23 -0.24
N GLN B 93 -9.27 5.02 0.16
CA GLN B 93 -10.23 3.91 0.22
C GLN B 93 -11.09 3.85 1.49
N GLY B 94 -10.85 4.75 2.43
CA GLY B 94 -11.65 4.79 3.66
C GLY B 94 -11.17 3.90 4.79
N ARG B 95 -9.92 3.46 4.75
CA ARG B 95 -9.38 2.62 5.83
C ARG B 95 -9.27 3.35 7.16
N PHE B 96 -9.02 4.67 7.09
CA PHE B 96 -9.04 5.52 8.27
C PHE B 96 -9.60 6.88 7.87
N ASP B 97 -9.81 7.75 8.85
CA ASP B 97 -10.44 9.04 8.58
C ASP B 97 -9.43 10.12 8.24
N PHE B 98 -8.31 10.10 8.96
CA PHE B 98 -7.17 10.94 8.57
C PHE B 98 -5.85 10.23 8.81
N VAL B 99 -4.79 10.79 8.24
CA VAL B 99 -3.45 10.22 8.40
C VAL B 99 -2.55 11.26 9.04
N ILE B 100 -1.78 10.84 10.03
CA ILE B 100 -0.77 11.70 10.57
C ILE B 100 0.51 10.88 10.67
N ALA B 101 1.44 11.15 9.76
CA ALA B 101 2.60 10.26 9.56
C ALA B 101 3.79 10.98 8.94
N SER B 102 3.93 12.25 9.29
CA SER B 102 5.05 13.07 8.83
C SER B 102 5.11 13.33 7.32
N HIS B 103 3.95 13.38 6.65
CA HIS B 103 3.93 13.72 5.21
C HIS B 103 4.25 15.19 4.95
N GLY B 104 5.32 15.44 4.21
CA GLY B 104 5.59 16.77 3.69
C GLY B 104 4.58 17.07 2.60
N ILE B 105 4.12 18.31 2.55
CA ILE B 105 3.16 18.72 1.53
C ILE B 105 3.92 18.82 0.21
N THR B 106 3.43 18.10 -0.79
CA THR B 106 3.96 18.25 -2.16
C THR B 106 2.79 18.39 -3.11
N GLU B 107 3.06 19.00 -4.26
CA GLU B 107 2.06 19.14 -5.34
C GLU B 107 1.53 17.78 -5.76
N GLU B 108 2.42 16.81 -5.91
CA GLU B 108 2.03 15.45 -6.34
C GLU B 108 1.09 14.78 -5.34
N ARG B 109 1.40 14.92 -4.05
CA ARG B 109 0.53 14.34 -3.02
C ARG B 109 -0.82 15.05 -2.93
N ALA B 110 -0.80 16.37 -3.11
CA ALA B 110 -2.01 17.22 -3.00
C ALA B 110 -2.96 16.97 -4.17
N ARG B 111 -2.49 16.32 -5.22
CA ARG B 111 -3.36 15.78 -6.29
C ARG B 111 -4.28 14.69 -5.78
N ALA B 112 -3.79 13.93 -4.80
CA ALA B 112 -4.42 12.70 -4.39
C ALA B 112 -5.19 12.87 -3.10
N VAL B 113 -4.69 13.74 -2.22
CA VAL B 113 -5.29 13.97 -0.90
C VAL B 113 -5.44 15.46 -0.58
N ASP B 114 -6.23 15.75 0.45
CA ASP B 114 -6.36 17.10 1.00
C ASP B 114 -5.53 17.24 2.27
N PHE B 115 -4.53 18.13 2.25
CA PHE B 115 -3.68 18.40 3.43
C PHE B 115 -4.27 19.46 4.32
N THR B 116 -4.06 19.28 5.62
CA THR B 116 -4.42 20.31 6.59
C THR B 116 -3.32 21.36 6.58
N ASN B 117 -3.52 22.41 7.38
CA ASN B 117 -2.42 23.32 7.68
C ASN B 117 -1.32 22.53 8.38
N PRO B 118 -0.07 22.95 8.24
CA PRO B 118 1.01 22.09 8.74
C PRO B 118 1.12 22.02 10.26
N HIS B 119 1.41 20.82 10.77
CA HIS B 119 1.63 20.64 12.19
C HIS B 119 3.10 20.72 12.63
N TYR B 120 4.03 20.73 11.67
CA TYR B 120 5.41 21.13 11.94
C TYR B 120 6.16 21.40 10.65
N CYS B 121 7.32 22.05 10.80
CA CYS B 121 8.20 22.40 9.71
C CYS B 121 9.55 21.74 9.93
N THR B 122 10.16 21.31 8.83
CA THR B 122 11.38 20.51 8.91
C THR B 122 12.10 20.54 7.56
N GLY B 123 13.04 19.62 7.37
CA GLY B 123 13.76 19.53 6.11
C GLY B 123 14.51 18.23 6.05
N GLY B 124 14.90 17.85 4.83
CA GLY B 124 15.63 16.61 4.61
C GLY B 124 17.12 16.89 4.67
N VAL B 125 17.87 15.97 5.25
CA VAL B 125 19.26 16.22 5.51
C VAL B 125 20.11 15.03 5.02
N ILE B 126 21.32 15.33 4.53
CA ILE B 126 22.35 14.32 4.22
C ILE B 126 23.02 13.92 5.52
N VAL B 127 23.04 12.62 5.79
CA VAL B 127 23.83 12.15 6.91
C VAL B 127 24.76 11.03 6.47
N SER B 128 26.02 11.17 6.85
CA SER B 128 27.07 10.22 6.47
C SER B 128 27.92 9.84 7.67
N ARG B 129 28.84 8.89 7.47
CA ARG B 129 29.87 8.66 8.49
C ARG B 129 30.85 9.83 8.49
N LYS B 130 31.62 9.99 9.58
CA LYS B 130 32.60 11.07 9.65
C LYS B 130 33.51 11.01 8.42
N GLY B 131 33.79 12.17 7.84
CA GLY B 131 34.56 12.26 6.60
C GLY B 131 33.81 11.81 5.36
N GLY B 132 32.50 11.56 5.49
CA GLY B 132 31.69 11.13 4.34
C GLY B 132 31.10 12.34 3.62
N PRO B 133 30.21 12.10 2.62
CA PRO B 133 29.56 13.16 1.86
C PRO B 133 28.77 14.15 2.74
N ARG B 134 28.88 15.42 2.40
CA ARG B 134 28.29 16.49 3.15
C ARG B 134 27.21 17.19 2.33
N THR B 135 27.37 17.17 1.01
CA THR B 135 26.54 17.99 0.12
C THR B 135 26.02 17.18 -1.06
N ALA B 136 24.98 17.67 -1.71
CA ALA B 136 24.36 16.97 -2.84
C ALA B 136 25.37 16.62 -3.95
N LYS B 137 26.21 17.59 -4.31
CA LYS B 137 27.18 17.41 -5.39
C LYS B 137 28.20 16.32 -5.03
N ASP B 138 28.40 16.11 -3.72
CA ASP B 138 29.29 15.08 -3.19
C ASP B 138 28.77 13.65 -3.39
N LEU B 139 27.51 13.50 -3.77
CA LEU B 139 26.87 12.18 -3.91
C LEU B 139 27.06 11.51 -5.28
N GLN B 140 27.68 12.21 -6.22
CA GLN B 140 28.03 11.62 -7.52
C GLN B 140 28.88 10.38 -7.27
N GLY B 141 28.47 9.25 -7.87
CA GLY B 141 29.17 7.98 -7.75
C GLY B 141 28.96 7.24 -6.42
N LYS B 142 28.15 7.82 -5.52
CA LYS B 142 27.99 7.26 -4.18
C LYS B 142 26.75 6.37 -4.01
N VAL B 143 26.68 5.61 -2.91
CA VAL B 143 25.54 4.75 -2.61
C VAL B 143 24.70 5.43 -1.54
N VAL B 144 23.43 5.69 -1.88
CA VAL B 144 22.54 6.49 -1.02
C VAL B 144 21.32 5.67 -0.62
N GLY B 145 20.99 5.69 0.67
CA GLY B 145 19.82 4.98 1.16
C GLY B 145 18.72 5.93 1.63
N VAL B 146 17.51 5.60 1.24
CA VAL B 146 16.32 6.38 1.54
C VAL B 146 15.15 5.45 1.75
N GLN B 147 14.18 5.92 2.54
CA GLN B 147 12.92 5.20 2.69
C GLN B 147 12.09 5.28 1.42
N VAL B 148 11.49 4.16 1.01
CA VAL B 148 10.65 4.16 -0.18
C VAL B 148 9.42 5.08 -0.02
N GLY B 149 9.15 5.84 -1.08
CA GLY B 149 7.94 6.65 -1.20
C GLY B 149 8.02 7.98 -0.47
N THR B 150 9.21 8.37 -0.06
CA THR B 150 9.39 9.64 0.67
C THR B 150 9.89 10.76 -0.21
N THR B 151 9.83 11.97 0.34
CA THR B 151 10.47 13.14 -0.27
C THR B 151 12.00 12.98 -0.31
N TYR B 152 12.55 12.14 0.58
CA TYR B 152 14.01 11.85 0.58
C TYR B 152 14.39 11.08 -0.67
N MET B 153 13.55 10.09 -1.03
CA MET B 153 13.73 9.34 -2.25
C MET B 153 13.60 10.23 -3.48
N GLU B 154 12.57 11.08 -3.48
CA GLU B 154 12.41 12.07 -4.57
C GLU B 154 13.62 13.00 -4.70
N ALA B 155 14.19 13.42 -3.56
CA ALA B 155 15.41 14.25 -3.58
C ALA B 155 16.61 13.47 -4.16
N ALA B 156 16.75 12.21 -3.75
CA ALA B 156 17.82 11.34 -4.31
C ALA B 156 17.62 11.15 -5.82
N GLN B 157 16.36 11.08 -6.27
CA GLN B 157 16.06 11.01 -7.72
C GLN B 157 16.36 12.31 -8.49
N LYS B 158 16.47 13.41 -7.78
CA LYS B 158 16.91 14.68 -8.40
C LYS B 158 18.42 14.88 -8.22
N ILE B 159 19.13 13.82 -7.81
CA ILE B 159 20.59 13.83 -7.74
C ILE B 159 21.06 12.63 -8.58
N PRO B 160 20.91 12.72 -9.91
CA PRO B 160 20.98 11.50 -10.72
C PRO B 160 22.41 10.96 -10.98
N GLY B 161 23.42 11.71 -10.53
CA GLY B 161 24.83 11.22 -10.54
C GLY B 161 25.09 10.16 -9.48
N ILE B 162 24.16 10.02 -8.54
CA ILE B 162 24.25 8.95 -7.53
C ILE B 162 24.40 7.58 -8.21
N LYS B 163 25.32 6.76 -7.72
CA LYS B 163 25.56 5.46 -8.34
C LYS B 163 24.41 4.48 -8.08
N GLU B 164 24.05 4.33 -6.81
CA GLU B 164 22.93 3.46 -6.44
C GLU B 164 22.04 4.13 -5.39
N VAL B 165 20.73 4.11 -5.60
CA VAL B 165 19.78 4.51 -4.58
C VAL B 165 19.16 3.23 -4.03
N ARG B 166 19.56 2.88 -2.81
CA ARG B 166 18.99 1.74 -2.07
C ARG B 166 17.77 2.25 -1.35
N THR B 167 16.68 1.53 -1.51
CA THR B 167 15.41 1.94 -0.98
C THR B 167 14.98 0.98 0.17
N TYR B 168 14.36 1.53 1.22
CA TYR B 168 14.04 0.75 2.42
C TYR B 168 12.58 0.90 2.80
N GLN B 169 11.96 -0.20 3.25
CA GLN B 169 10.59 -0.17 3.74
C GLN B 169 10.49 0.71 4.99
N ARG B 170 11.48 0.63 5.88
CA ARG B 170 11.47 1.46 7.09
C ARG B 170 12.76 2.25 7.18
N ASP B 171 12.62 3.52 7.54
CA ASP B 171 13.73 4.47 7.61
C ASP B 171 14.91 4.04 8.52
N PRO B 172 14.62 3.51 9.74
CA PRO B 172 15.73 3.07 10.59
C PRO B 172 16.60 1.96 9.98
N ASP B 173 16.06 1.23 9.01
CA ASP B 173 16.84 0.17 8.29
C ASP B 173 17.95 0.79 7.42
N ALA B 174 17.68 1.98 6.86
CA ALA B 174 18.70 2.76 6.16
C ALA B 174 19.81 3.24 7.11
N LEU B 175 19.45 3.68 8.32
CA LEU B 175 20.43 4.00 9.36
C LEU B 175 21.37 2.81 9.66
N GLN B 176 20.79 1.60 9.75
CA GLN B 176 21.54 0.39 10.08
C GLN B 176 22.61 0.14 9.00
N ASP B 177 22.21 0.27 7.74
CA ASP B 177 23.11 0.10 6.60
C ASP B 177 24.18 1.18 6.48
N LEU B 178 23.85 2.41 6.88
CA LEU B 178 24.86 3.46 7.00
C LEU B 178 25.89 3.13 8.07
N LEU B 179 25.44 2.66 9.23
CA LEU B 179 26.35 2.25 10.30
C LEU B 179 27.20 1.06 9.88
N ALA B 180 26.59 0.12 9.13
CA ALA B 180 27.30 -1.08 8.64
C ALA B 180 28.23 -0.81 7.45
N GLY B 181 28.12 0.39 6.87
CA GLY B 181 28.97 0.78 5.74
C GLY B 181 28.47 0.28 4.41
N ARG B 182 27.21 -0.13 4.36
CA ARG B 182 26.63 -0.68 3.14
C ARG B 182 26.08 0.42 2.24
N ILE B 183 25.91 1.61 2.82
CA ILE B 183 25.64 2.84 2.07
C ILE B 183 26.60 3.93 2.53
N ASP B 184 26.82 4.92 1.66
CA ASP B 184 27.66 6.08 2.00
C ASP B 184 26.90 7.18 2.74
N THR B 185 25.60 7.26 2.49
CA THR B 185 24.80 8.40 2.91
C THR B 185 23.33 7.99 3.05
N TRP B 186 22.72 8.46 4.12
CA TRP B 186 21.29 8.31 4.40
C TRP B 186 20.68 9.70 4.30
N ILE B 187 19.60 9.84 3.55
CA ILE B 187 18.88 11.10 3.49
C ILE B 187 17.59 10.93 4.27
N THR B 188 17.36 11.80 5.23
CA THR B 188 16.24 11.65 6.16
C THR B 188 15.90 12.98 6.80
N ASP B 189 14.91 12.95 7.69
CA ASP B 189 14.43 14.13 8.38
C ASP B 189 15.47 14.68 9.37
N ARG B 190 15.61 16.00 9.40
CA ARG B 190 16.59 16.66 10.29
C ARG B 190 16.41 16.31 11.79
N PHE B 191 15.17 16.31 12.29
CA PHE B 191 14.92 15.89 13.66
C PHE B 191 15.16 14.39 13.89
N VAL B 192 14.75 13.55 12.94
CA VAL B 192 15.01 12.09 13.05
C VAL B 192 16.51 11.80 13.14
N ALA B 193 17.30 12.44 12.27
CA ALA B 193 18.76 12.25 12.29
C ALA B 193 19.40 12.73 13.60
N LYS B 194 19.01 13.93 14.05
CA LYS B 194 19.51 14.52 15.29
C LYS B 194 19.23 13.59 16.47
N GLU B 195 17.99 13.13 16.56
CA GLU B 195 17.61 12.24 17.65
C GLU B 195 18.30 10.90 17.56
N ALA B 196 18.44 10.35 16.35
CA ALA B 196 19.08 9.04 16.22
C ALA B 196 20.53 9.10 16.72
N ILE B 197 21.21 10.17 16.34
CA ILE B 197 22.60 10.43 16.76
C ILE B 197 22.68 10.56 18.29
N LYS B 198 21.79 11.34 18.89
CA LYS B 198 21.73 11.53 20.36
C LYS B 198 21.43 10.22 21.10
N GLU B 199 20.33 9.59 20.70
CA GLU B 199 19.80 8.41 21.38
C GLU B 199 20.73 7.20 21.24
N ARG B 200 21.48 7.15 20.14
CA ARG B 200 22.42 6.06 19.90
C ARG B 200 23.88 6.44 20.16
N LYS B 201 24.08 7.69 20.60
CA LYS B 201 25.39 8.19 21.01
C LYS B 201 26.40 8.09 19.85
N LEU B 202 26.05 8.72 18.74
CA LEU B 202 26.81 8.55 17.49
C LEU B 202 27.53 9.82 17.07
N GLU B 203 27.70 10.74 18.02
CA GLU B 203 28.35 12.02 17.77
C GLU B 203 29.76 11.83 17.23
N ASN B 204 30.40 10.73 17.60
CA ASN B 204 31.76 10.42 17.12
C ASN B 204 31.83 9.45 15.95
N THR B 205 30.68 9.21 15.30
CA THR B 205 30.65 8.27 14.18
C THR B 205 29.84 8.78 12.99
N LEU B 206 28.78 9.54 13.24
CA LEU B 206 27.98 10.11 12.15
C LEU B 206 28.08 11.64 12.06
N GLN B 207 27.68 12.17 10.91
CA GLN B 207 27.91 13.57 10.52
C GLN B 207 26.70 14.07 9.75
N VAL B 208 25.98 15.04 10.30
CA VAL B 208 24.84 15.61 9.59
C VAL B 208 25.36 16.70 8.65
N GLY B 209 25.09 16.54 7.36
CA GLY B 209 25.54 17.51 6.35
C GLY B 209 24.49 18.54 5.97
N GLU B 210 24.43 18.81 4.67
CA GLU B 210 23.57 19.80 4.04
C GLU B 210 22.09 19.51 4.27
N LEU B 211 21.34 20.56 4.61
CA LEU B 211 19.89 20.53 4.55
C LEU B 211 19.52 20.61 3.07
N VAL B 212 19.06 19.50 2.49
CA VAL B 212 18.81 19.41 1.04
C VAL B 212 17.53 20.15 0.59
N PHE B 213 16.48 20.09 1.41
CA PHE B 213 15.24 20.79 1.11
C PHE B 213 14.48 21.04 2.40
N GLN B 214 13.52 21.94 2.36
CA GLN B 214 12.66 22.16 3.52
C GLN B 214 11.27 21.70 3.17
N GLU B 215 10.48 21.33 4.16
CA GLU B 215 9.10 20.98 3.91
C GLU B 215 8.20 21.27 5.09
N ARG B 216 6.92 21.44 4.76
CA ARG B 216 5.89 21.71 5.73
C ARG B 216 5.15 20.38 5.83
N VAL B 217 4.98 19.90 7.06
CA VAL B 217 4.43 18.56 7.28
C VAL B 217 2.99 18.69 7.78
N ALA B 218 2.06 17.89 7.22
CA ALA B 218 0.63 18.05 7.53
C ALA B 218 -0.09 16.72 7.66
N MET B 219 -1.27 16.76 8.29
CA MET B 219 -2.21 15.68 8.23
C MET B 219 -2.89 15.64 6.87
N ALA B 220 -3.43 14.49 6.49
CA ALA B 220 -4.18 14.37 5.25
C ALA B 220 -5.54 13.74 5.46
N VAL B 221 -6.52 14.23 4.72
CA VAL B 221 -7.81 13.57 4.63
C VAL B 221 -8.03 13.14 3.19
N ALA B 222 -8.97 12.23 2.97
CA ALA B 222 -9.31 11.79 1.63
C ALA B 222 -9.66 12.98 0.73
N LYS B 223 -9.18 12.94 -0.51
CA LYS B 223 -9.57 13.93 -1.51
C LYS B 223 -11.07 14.21 -1.43
N GLY B 224 -11.42 15.49 -1.25
CA GLY B 224 -12.84 15.88 -1.22
C GLY B 224 -13.50 15.92 0.15
N ASN B 225 -12.85 15.35 1.17
CA ASN B 225 -13.47 15.29 2.51
C ASN B 225 -13.31 16.64 3.25
N LYS B 226 -14.00 17.65 2.76
CA LYS B 226 -13.78 19.00 3.23
C LYS B 226 -14.36 19.25 4.63
N SER B 227 -15.42 18.54 4.98
CA SER B 227 -15.98 18.69 6.34
C SER B 227 -14.96 18.26 7.41
N LEU B 228 -14.27 17.14 7.18
CA LEU B 228 -13.25 16.71 8.14
C LEU B 228 -11.99 17.54 8.06
N LEU B 229 -11.58 17.92 6.85
CA LEU B 229 -10.43 18.81 6.67
C LEU B 229 -10.62 20.07 7.52
N ASP B 230 -11.80 20.68 7.42
CA ASP B 230 -12.09 21.93 8.15
C ASP B 230 -12.13 21.71 9.68
N ALA B 231 -12.62 20.56 10.12
CA ALA B 231 -12.68 20.30 11.57
C ALA B 231 -11.27 20.08 12.14
N LEU B 232 -10.41 19.41 11.37
CA LEU B 232 -9.02 19.18 11.81
C LEU B 232 -8.26 20.51 11.80
N ASN B 233 -8.47 21.33 10.76
CA ASN B 233 -7.86 22.65 10.73
C ASN B 233 -8.25 23.49 11.96
N ARG B 234 -9.52 23.43 12.33
CA ARG B 234 -10.04 24.18 13.49
CA ARG B 234 -10.01 24.22 13.47
C ARG B 234 -9.45 23.66 14.78
N ALA B 235 -9.38 22.34 14.90
CA ALA B 235 -8.82 21.70 16.09
C ALA B 235 -7.33 22.03 16.24
N LEU B 236 -6.57 21.97 15.14
CA LEU B 236 -5.14 22.29 15.18
C LEU B 236 -4.88 23.74 15.62
N ALA B 237 -5.59 24.67 15.00
CA ALA B 237 -5.53 26.08 15.37
C ALA B 237 -5.78 26.30 16.88
N GLU B 238 -6.83 25.67 17.39
CA GLU B 238 -7.16 25.75 18.82
C GLU B 238 -6.02 25.24 19.72
N LEU B 239 -5.39 24.13 19.33
CA LEU B 239 -4.29 23.59 20.11
C LEU B 239 -3.06 24.51 20.06
N MET B 240 -2.88 25.16 18.93
CA MET B 240 -1.75 26.07 18.75
C MET B 240 -1.91 27.32 19.59
N GLN B 241 -3.16 27.71 19.84
CA GLN B 241 -3.46 28.94 20.57
C GLN B 241 -3.59 28.72 22.07
N ASP B 242 -3.97 27.52 22.48
CA ASP B 242 -4.37 27.29 23.87
C ASP B 242 -3.32 26.61 24.75
N GLY B 243 -2.09 26.49 24.23
CA GLY B 243 -1.00 25.93 25.02
C GLY B 243 -0.72 24.46 24.81
N THR B 244 -1.71 23.73 24.30
CA THR B 244 -1.59 22.26 24.16
C THR B 244 -0.50 21.86 23.14
N TYR B 245 -0.54 22.44 21.96
CA TYR B 245 0.51 22.17 20.97
C TYR B 245 1.89 22.48 21.55
N ALA B 246 2.01 23.67 22.14
CA ALA B 246 3.26 24.10 22.78
C ALA B 246 3.76 23.07 23.81
N ARG B 247 2.87 22.58 24.68
CA ARG B 247 3.23 21.56 25.68
C ARG B 247 3.79 20.28 25.03
N ILE B 248 3.11 19.84 23.98
CA ILE B 248 3.48 18.59 23.31
C ILE B 248 4.80 18.76 22.56
N SER B 249 4.96 19.90 21.88
CA SER B 249 6.24 20.19 21.19
C SER B 249 7.40 20.22 22.17
N GLN B 250 7.19 20.89 23.31
CA GLN B 250 8.19 20.95 24.38
C GLN B 250 8.50 19.58 24.97
N LYS B 251 7.47 18.77 25.22
CA LYS B 251 7.69 17.40 25.67
C LYS B 251 8.65 16.63 24.73
N TRP B 252 8.42 16.73 23.43
CA TRP B 252 9.19 15.89 22.48
C TRP B 252 10.51 16.51 22.04
N PHE B 253 10.54 17.83 21.95
CA PHE B 253 11.69 18.51 21.35
C PHE B 253 12.40 19.53 22.25
N GLY B 254 11.80 19.89 23.38
CA GLY B 254 12.36 20.95 24.23
C GLY B 254 12.25 22.34 23.62
N GLU B 255 11.52 22.44 22.51
CA GLU B 255 11.35 23.72 21.78
C GLU B 255 10.06 23.70 20.94
N ASP B 256 9.71 24.82 20.33
CA ASP B 256 8.51 24.84 19.49
C ASP B 256 8.90 24.57 18.03
N VAL B 257 8.25 23.59 17.41
CA VAL B 257 8.61 23.19 16.04
C VAL B 257 7.57 23.58 14.96
N ARG B 258 6.56 24.37 15.34
CA ARG B 258 5.55 24.81 14.39
C ARG B 258 6.15 25.61 13.22
N CYS B 259 5.45 25.62 12.10
CA CYS B 259 5.85 26.50 10.99
C CYS B 259 5.69 27.97 11.38
N LYS B 260 6.66 28.79 11.00
CA LYS B 260 6.62 30.21 11.28
C LYS B 260 6.72 31.00 9.99
#